data_3ABE
#
_entry.id   3ABE
#
_cell.length_a   76.517
_cell.length_b   76.517
_cell.length_c   118.524
_cell.angle_alpha   90.00
_cell.angle_beta   90.00
_cell.angle_gamma   90.00
#
_symmetry.space_group_name_H-M   'P 41 21 2'
#
loop_
_entity.id
_entity.type
_entity.pdbx_description
1 polymer 'Mitotic spindle assembly checkpoint protein MAD2B'
2 polymer 'DNA polymerase zeta catalytic subunit'
3 water water
#
loop_
_entity_poly.entity_id
_entity_poly.type
_entity_poly.pdbx_seq_one_letter_code
_entity_poly.pdbx_strand_id
1 'polypeptide(L)'
;MGSSHHHHHHSQDPNSMTTLTRQDLNFGQVVADVLCEFLEVAVHLILYVREVYPVGIFQKRKKYNVPVQMSCHPELNQYI
QDTLHCVKPLLEKNDVEKVVVVILDKEHRPVEKFVFEITQPPLLSISSDSLLSHVEQLLAAFILKISVCDAVLDHNPPGC
TFTVLVHTREAATRNMEKIQVIKDFPWILADEQDVHMHDPRLIPLKTMTSDILKMQLYVEERAHKGS
;
C
2 'polypeptide(L)' MLTPTPDSSPRSTSSPSQSKNGSFTPRTANILKPLMSPPSREEIMATLLDHD Z
#
# COMPACT_ATOMS: atom_id res chain seq x y z
N PHE A 27 -4.48 -4.80 22.49
CA PHE A 27 -3.81 -3.56 22.18
C PHE A 27 -3.19 -3.40 20.83
N GLY A 28 -1.89 -3.64 20.78
CA GLY A 28 -1.17 -3.78 19.50
C GLY A 28 -1.94 -4.46 18.38
N GLN A 29 -2.99 -5.21 18.74
CA GLN A 29 -3.93 -5.79 17.78
C GLN A 29 -4.78 -4.72 17.09
N VAL A 30 -5.42 -3.84 17.88
CA VAL A 30 -6.29 -2.77 17.32
C VAL A 30 -5.52 -1.74 16.47
N VAL A 31 -4.32 -1.36 16.90
CA VAL A 31 -3.38 -0.63 16.05
C VAL A 31 -3.19 -1.26 14.67
N ALA A 32 -3.26 -2.58 14.60
CA ALA A 32 -3.13 -3.27 13.34
C ALA A 32 -4.38 -3.04 12.54
N ASP A 33 -5.54 -3.29 13.15
CA ASP A 33 -6.82 -3.07 12.46
C ASP A 33 -6.83 -1.67 11.83
N VAL A 34 -6.36 -0.69 12.59
CA VAL A 34 -6.31 0.69 12.13
C VAL A 34 -5.44 0.81 10.89
N LEU A 35 -4.17 0.46 11.03
CA LEU A 35 -3.24 0.44 9.91
C LEU A 35 -3.74 -0.32 8.72
N CYS A 36 -4.32 -1.48 8.97
CA CYS A 36 -4.87 -2.24 7.87
C CYS A 36 -6.02 -1.49 7.23
N GLU A 37 -6.91 -0.95 8.04
CA GLU A 37 -7.99 -0.17 7.49
C GLU A 37 -7.38 0.98 6.66
N PHE A 38 -6.40 1.65 7.23
CA PHE A 38 -5.80 2.78 6.53
C PHE A 38 -5.21 2.38 5.21
N LEU A 39 -4.30 1.42 5.26
CA LEU A 39 -3.48 1.07 4.10
C LEU A 39 -4.36 0.62 2.97
N GLU A 40 -5.46 -0.05 3.32
CA GLU A 40 -6.40 -0.44 2.33
C GLU A 40 -6.86 0.80 1.56
N VAL A 41 -7.26 1.87 2.25
CA VAL A 41 -7.79 3.03 1.51
C VAL A 41 -6.69 3.66 0.71
N ALA A 42 -5.57 3.87 1.37
CA ALA A 42 -4.43 4.50 0.73
C ALA A 42 -4.21 3.83 -0.60
N VAL A 43 -4.23 2.49 -0.62
CA VAL A 43 -3.85 1.78 -1.83
C VAL A 43 -4.84 2.10 -2.94
N HIS A 44 -6.16 2.00 -2.62
CA HIS A 44 -7.20 2.41 -3.56
C HIS A 44 -7.01 3.82 -4.09
N LEU A 45 -6.74 4.75 -3.21
CA LEU A 45 -6.50 6.11 -3.66
C LEU A 45 -5.28 6.20 -4.56
N ILE A 46 -4.22 5.50 -4.19
CA ILE A 46 -2.95 5.60 -4.93
C ILE A 46 -3.16 5.17 -6.37
N LEU A 47 -4.08 4.22 -6.51
CA LEU A 47 -4.33 3.52 -7.74
C LEU A 47 -5.05 4.44 -8.69
N TYR A 48 -6.04 5.15 -8.15
CA TYR A 48 -6.75 6.23 -8.84
C TYR A 48 -5.81 7.38 -9.21
N VAL A 49 -5.27 8.02 -8.19
CA VAL A 49 -4.35 9.13 -8.37
C VAL A 49 -3.18 8.89 -9.35
N ARG A 50 -2.69 7.65 -9.47
CA ARG A 50 -1.68 7.31 -10.47
C ARG A 50 -2.24 6.65 -11.73
N GLU A 51 -3.56 6.75 -11.89
CA GLU A 51 -4.32 6.13 -12.97
C GLU A 51 -3.81 4.73 -13.26
N VAL A 52 -3.69 3.90 -12.23
CA VAL A 52 -3.27 2.52 -12.50
C VAL A 52 -4.43 1.76 -13.09
N TYR A 53 -5.64 2.16 -12.72
CA TYR A 53 -6.87 1.68 -13.34
C TYR A 53 -7.70 2.90 -13.73
N PRO A 54 -8.55 2.78 -14.75
CA PRO A 54 -9.57 3.77 -15.17
C PRO A 54 -10.53 4.31 -14.09
N VAL A 55 -10.98 5.54 -14.32
CA VAL A 55 -11.74 6.27 -13.33
C VAL A 55 -13.14 5.73 -13.12
N GLY A 56 -13.66 5.01 -14.11
CA GLY A 56 -15.05 4.60 -14.10
C GLY A 56 -15.37 3.44 -13.17
N ILE A 57 -14.34 2.75 -12.71
CA ILE A 57 -14.52 1.70 -11.72
C ILE A 57 -14.45 2.23 -10.31
N PHE A 58 -14.14 3.50 -10.14
CA PHE A 58 -14.02 4.08 -8.82
C PHE A 58 -15.27 4.84 -8.48
N GLN A 59 -15.53 4.94 -7.19
CA GLN A 59 -16.64 5.70 -6.68
C GLN A 59 -16.08 6.61 -5.60
N LYS A 60 -16.70 7.73 -5.40
CA LYS A 60 -16.25 8.55 -4.34
C LYS A 60 -16.91 8.06 -3.11
N ARG A 61 -16.10 7.85 -2.11
CA ARG A 61 -16.60 7.59 -0.78
C ARG A 61 -15.91 8.60 0.12
N LYS A 62 -16.10 8.43 1.44
CA LYS A 62 -15.51 9.25 2.50
C LYS A 62 -15.07 8.36 3.67
N LYS A 63 -13.80 8.50 4.02
CA LYS A 63 -13.24 7.89 5.20
C LYS A 63 -12.30 8.91 5.78
N TYR A 64 -12.17 8.89 7.11
CA TYR A 64 -11.20 9.78 7.77
C TYR A 64 -11.70 11.19 7.47
N ASN A 65 -13.04 11.31 7.51
CA ASN A 65 -13.78 12.48 7.17
C ASN A 65 -13.26 13.18 5.94
N VAL A 66 -12.94 12.39 4.92
CA VAL A 66 -12.42 12.93 3.67
C VAL A 66 -12.95 12.17 2.44
N PRO A 67 -13.08 12.85 1.28
CA PRO A 67 -13.39 12.26 -0.05
C PRO A 67 -12.29 11.42 -0.60
N VAL A 68 -12.58 10.14 -0.76
CA VAL A 68 -11.65 9.22 -1.36
C VAL A 68 -12.29 8.56 -2.55
N GLN A 69 -11.46 7.87 -3.31
CA GLN A 69 -11.89 7.07 -4.43
C GLN A 69 -11.54 5.65 -4.09
N MET A 70 -12.58 4.83 -4.00
CA MET A 70 -12.45 3.41 -3.81
C MET A 70 -13.01 2.74 -5.04
N SER A 71 -12.52 1.53 -5.27
CA SER A 71 -12.72 0.77 -6.45
C SER A 71 -13.95 -0.09 -6.20
N CYS A 72 -14.78 -0.17 -7.23
CA CYS A 72 -15.91 -1.08 -7.21
C CYS A 72 -15.64 -2.33 -8.02
N HIS A 73 -14.37 -2.70 -8.22
CA HIS A 73 -14.13 -3.94 -8.92
C HIS A 73 -13.77 -5.00 -7.91
N PRO A 74 -14.67 -5.98 -7.73
CA PRO A 74 -14.57 -6.93 -6.62
C PRO A 74 -13.33 -7.76 -6.57
N GLU A 75 -12.87 -8.24 -7.71
CA GLU A 75 -11.63 -9.00 -7.74
C GLU A 75 -10.52 -8.10 -7.25
N LEU A 76 -10.48 -6.84 -7.70
CA LEU A 76 -9.41 -5.97 -7.25
C LEU A 76 -9.51 -5.71 -5.77
N ASN A 77 -10.74 -5.62 -5.30
CA ASN A 77 -10.94 -5.28 -3.92
C ASN A 77 -10.51 -6.43 -3.08
N GLN A 78 -10.92 -7.60 -3.51
CA GLN A 78 -10.57 -8.85 -2.86
C GLN A 78 -9.07 -9.07 -2.79
N TYR A 79 -8.38 -8.69 -3.86
CA TYR A 79 -6.97 -8.85 -3.94
C TYR A 79 -6.35 -8.07 -2.81
N ILE A 80 -6.89 -6.88 -2.55
CA ILE A 80 -6.24 -5.96 -1.61
C ILE A 80 -6.59 -6.32 -0.18
N GLN A 81 -7.86 -6.56 0.03
CA GLN A 81 -8.30 -7.08 1.27
C GLN A 81 -7.39 -8.25 1.61
N ASP A 82 -7.25 -9.19 0.68
CA ASP A 82 -6.48 -10.39 0.96
C ASP A 82 -5.08 -10.02 1.36
N THR A 83 -4.45 -9.19 0.55
CA THR A 83 -3.07 -8.80 0.80
C THR A 83 -2.97 -8.33 2.23
N LEU A 84 -3.85 -7.42 2.61
CA LEU A 84 -3.83 -6.88 3.96
C LEU A 84 -4.37 -7.82 5.04
N HIS A 85 -5.22 -8.79 4.76
CA HIS A 85 -5.53 -9.73 5.84
C HIS A 85 -4.27 -10.42 6.26
N CYS A 86 -3.40 -10.69 5.29
CA CYS A 86 -2.20 -11.46 5.57
C CYS A 86 -1.25 -10.67 6.42
N VAL A 87 -1.24 -9.36 6.22
CA VAL A 87 -0.22 -8.57 6.83
C VAL A 87 -0.61 -8.34 8.27
N LYS A 88 -1.90 -8.13 8.49
CA LYS A 88 -2.45 -7.93 9.85
C LYS A 88 -1.63 -8.63 10.95
N PRO A 89 -1.56 -9.96 10.93
CA PRO A 89 -0.89 -10.68 12.00
C PRO A 89 0.58 -10.29 12.26
N LEU A 90 1.27 -9.79 11.25
CA LEU A 90 2.65 -9.39 11.44
C LEU A 90 2.64 -8.01 12.02
N LEU A 91 1.66 -7.23 11.63
CA LEU A 91 1.54 -5.91 12.21
C LEU A 91 1.43 -6.04 13.73
N GLU A 92 0.57 -6.94 14.18
CA GLU A 92 0.39 -7.17 15.61
C GLU A 92 1.72 -7.35 16.32
N LYS A 93 2.64 -8.12 15.75
CA LYS A 93 3.91 -8.41 16.41
C LYS A 93 4.97 -7.34 16.11
N ASN A 94 4.59 -6.31 15.39
CA ASN A 94 5.49 -5.23 14.97
C ASN A 94 6.70 -5.82 14.28
N ASP A 95 6.44 -6.82 13.45
CA ASP A 95 7.44 -7.45 12.62
C ASP A 95 7.57 -6.72 11.28
N VAL A 96 6.53 -5.98 10.88
CA VAL A 96 6.62 -5.15 9.68
C VAL A 96 7.31 -3.80 9.89
N GLU A 97 8.26 -3.52 9.00
CA GLU A 97 9.01 -2.28 8.96
C GLU A 97 8.51 -1.41 7.85
N LYS A 98 8.35 -1.93 6.64
CA LYS A 98 7.72 -1.17 5.58
C LYS A 98 6.55 -1.91 4.95
N VAL A 99 5.52 -1.20 4.53
CA VAL A 99 4.67 -1.63 3.46
C VAL A 99 4.77 -0.71 2.26
N VAL A 100 5.24 -1.24 1.14
CA VAL A 100 5.48 -0.47 -0.06
C VAL A 100 4.48 -0.81 -1.15
N VAL A 101 3.80 0.17 -1.69
CA VAL A 101 3.08 -0.09 -2.91
C VAL A 101 4.00 0.20 -4.05
N VAL A 102 4.10 -0.76 -4.98
CA VAL A 102 5.00 -0.55 -6.11
C VAL A 102 4.24 -0.52 -7.43
N ILE A 103 4.63 0.45 -8.26
CA ILE A 103 4.12 0.61 -9.61
C ILE A 103 5.11 0.16 -10.66
N LEU A 104 4.64 -0.76 -11.51
CA LEU A 104 5.49 -1.37 -12.54
C LEU A 104 4.93 -1.06 -13.92
N ASP A 105 5.81 -0.77 -14.87
CA ASP A 105 5.41 -0.44 -16.24
C ASP A 105 5.05 -1.68 -17.06
N LYS A 106 4.90 -1.47 -18.37
CA LYS A 106 4.68 -2.54 -19.34
C LYS A 106 5.80 -3.60 -19.29
N GLU A 107 7.06 -3.19 -19.39
CA GLU A 107 8.18 -4.14 -19.45
C GLU A 107 8.30 -4.91 -18.15
N HIS A 108 7.91 -4.25 -17.06
CA HIS A 108 7.84 -4.89 -15.76
C HIS A 108 8.95 -4.38 -14.86
N ARG A 109 9.17 -3.07 -14.88
CA ARG A 109 10.22 -2.50 -14.06
C ARG A 109 9.66 -1.37 -13.22
N PRO A 110 9.92 -1.41 -11.89
CA PRO A 110 9.31 -0.50 -10.88
C PRO A 110 9.57 0.96 -11.15
N VAL A 111 8.50 1.75 -11.32
CA VAL A 111 8.71 3.16 -11.60
C VAL A 111 8.63 3.90 -10.29
N GLU A 112 7.46 3.89 -9.68
CA GLU A 112 7.26 4.59 -8.42
C GLU A 112 7.14 3.57 -7.31
N LYS A 113 7.26 4.04 -6.07
CA LYS A 113 7.04 3.24 -4.89
C LYS A 113 6.40 4.07 -3.82
N PHE A 114 5.31 3.62 -3.23
CA PHE A 114 4.81 4.36 -2.08
C PHE A 114 5.17 3.60 -0.84
N VAL A 115 6.22 4.08 -0.18
CA VAL A 115 6.77 3.45 0.98
C VAL A 115 5.95 3.91 2.12
N PHE A 116 5.61 3.07 3.06
CA PHE A 116 5.03 3.60 4.29
C PHE A 116 5.91 3.01 5.31
N GLU A 117 6.73 3.81 5.94
CA GLU A 117 7.63 3.26 6.91
C GLU A 117 6.90 3.29 8.23
N ILE A 118 6.92 2.19 8.95
CA ILE A 118 6.26 2.14 10.24
C ILE A 118 7.26 2.03 11.37
N THR A 119 6.97 2.73 12.47
CA THR A 119 7.51 2.40 13.79
C THR A 119 6.37 2.32 14.85
N GLN A 120 6.50 1.36 15.78
CA GLN A 120 5.56 1.20 16.91
C GLN A 120 6.37 0.98 18.20
N PRO A 121 5.99 1.69 19.30
CA PRO A 121 6.66 1.55 20.59
C PRO A 121 6.13 0.41 21.48
N ILE A 126 -1.51 1.38 27.12
CA ILE A 126 -2.06 0.09 27.58
C ILE A 126 -3.58 0.02 27.34
N SER A 127 -3.99 0.33 26.11
CA SER A 127 -5.43 0.47 25.74
C SER A 127 -5.90 1.93 25.93
N SER A 128 -6.27 2.60 24.83
CA SER A 128 -6.75 4.01 24.86
C SER A 128 -8.21 4.17 24.39
N ASP A 129 -8.60 5.41 24.04
CA ASP A 129 -9.95 5.66 23.49
C ASP A 129 -10.06 6.85 22.53
N SER A 130 -9.96 8.06 23.08
CA SER A 130 -9.87 9.26 22.26
C SER A 130 -8.53 9.28 21.55
N LEU A 131 -7.47 8.93 22.28
CA LEU A 131 -6.13 8.84 21.69
C LEU A 131 -6.13 7.95 20.46
N LEU A 132 -6.99 6.92 20.45
CA LEU A 132 -7.08 6.04 19.29
C LEU A 132 -7.72 6.77 18.12
N SER A 133 -8.85 7.42 18.37
CA SER A 133 -9.51 8.15 17.31
C SER A 133 -8.64 9.33 16.83
N HIS A 134 -7.93 10.01 17.73
CA HIS A 134 -7.00 11.08 17.35
C HIS A 134 -6.04 10.61 16.30
N VAL A 135 -5.34 9.52 16.60
CA VAL A 135 -4.32 8.95 15.73
C VAL A 135 -4.96 8.62 14.40
N GLU A 136 -6.19 8.05 14.49
CA GLU A 136 -6.93 7.58 13.32
C GLU A 136 -7.34 8.76 12.47
N GLN A 137 -7.89 9.79 13.09
CA GLN A 137 -8.27 10.96 12.31
C GLN A 137 -7.07 11.54 11.62
N LEU A 138 -5.99 11.81 12.39
CA LEU A 138 -4.76 12.36 11.82
C LEU A 138 -4.49 11.72 10.47
N LEU A 139 -4.55 10.40 10.40
CA LEU A 139 -4.20 9.68 9.17
C LEU A 139 -4.71 10.31 7.87
N ALA A 140 -5.78 11.09 8.01
CA ALA A 140 -6.32 11.89 6.91
C ALA A 140 -5.28 12.86 6.31
N ALA A 141 -4.30 13.24 7.09
CA ALA A 141 -3.27 14.14 6.58
C ALA A 141 -2.63 13.44 5.42
N PHE A 142 -2.40 12.16 5.60
CA PHE A 142 -1.71 11.32 4.61
C PHE A 142 -2.55 11.19 3.36
N ILE A 143 -3.82 10.80 3.54
CA ILE A 143 -4.71 10.58 2.42
C ILE A 143 -4.71 11.78 1.57
N LEU A 144 -4.90 12.93 2.19
CA LEU A 144 -4.85 14.20 1.49
C LEU A 144 -3.46 14.47 0.81
N LYS A 145 -2.37 13.93 1.31
CA LYS A 145 -1.21 14.08 0.49
C LYS A 145 -1.37 13.20 -0.73
N ILE A 146 -1.66 11.95 -0.54
CA ILE A 146 -1.76 11.11 -1.71
C ILE A 146 -2.68 11.73 -2.75
N SER A 147 -3.82 12.28 -2.33
CA SER A 147 -4.80 12.75 -3.29
C SER A 147 -4.23 13.76 -4.29
N VAL A 148 -3.35 14.65 -3.85
CA VAL A 148 -2.87 15.67 -4.75
C VAL A 148 -1.42 15.43 -5.18
N CYS A 149 -0.87 14.23 -4.94
CA CYS A 149 0.57 14.01 -5.14
C CYS A 149 1.02 14.23 -6.58
N ASP A 150 0.21 13.78 -7.52
CA ASP A 150 0.39 14.07 -8.94
C ASP A 150 0.95 15.45 -9.12
N ALA A 151 0.60 16.36 -8.22
CA ALA A 151 1.19 17.69 -8.22
C ALA A 151 2.70 17.67 -8.05
N VAL A 152 3.30 16.51 -7.79
CA VAL A 152 4.73 16.47 -7.52
C VAL A 152 5.44 15.32 -8.21
N LEU A 153 4.67 14.34 -8.66
CA LEU A 153 5.23 13.25 -9.46
C LEU A 153 5.07 13.56 -10.94
N ASP A 154 5.87 12.87 -11.75
CA ASP A 154 5.78 12.96 -13.20
C ASP A 154 5.02 11.72 -13.72
N HIS A 155 4.10 11.94 -14.65
CA HIS A 155 3.15 10.89 -15.07
C HIS A 155 3.87 9.58 -15.34
N ASN A 156 3.14 8.49 -15.15
CA ASN A 156 3.66 7.20 -15.50
C ASN A 156 3.40 6.91 -16.98
N PRO A 157 4.16 5.98 -17.56
CA PRO A 157 3.86 5.59 -18.93
C PRO A 157 2.60 4.75 -18.93
N PRO A 158 1.85 4.78 -20.03
CA PRO A 158 0.71 3.88 -20.11
C PRO A 158 1.10 2.43 -19.82
N GLY A 159 0.16 1.67 -19.27
CA GLY A 159 0.30 0.23 -19.15
C GLY A 159 0.74 -0.33 -17.79
N CYS A 160 0.67 0.49 -16.76
CA CYS A 160 1.22 0.13 -15.46
C CYS A 160 0.32 -0.79 -14.65
N THR A 161 0.98 -1.50 -13.75
CA THR A 161 0.35 -2.41 -12.81
C THR A 161 1.00 -2.15 -11.44
N PHE A 162 0.53 -2.81 -10.40
CA PHE A 162 1.14 -2.63 -9.09
C PHE A 162 1.20 -3.94 -8.36
N THR A 163 1.72 -3.82 -7.16
CA THR A 163 2.22 -4.94 -6.41
C THR A 163 2.40 -4.36 -5.03
N VAL A 164 2.54 -5.20 -4.01
CA VAL A 164 2.74 -4.69 -2.66
C VAL A 164 3.83 -5.50 -2.09
N LEU A 165 4.81 -4.84 -1.48
CA LEU A 165 5.90 -5.55 -0.85
C LEU A 165 5.89 -5.23 0.63
N VAL A 166 6.31 -6.18 1.46
CA VAL A 166 6.32 -6.01 2.89
C VAL A 166 7.73 -6.17 3.37
N HIS A 167 8.30 -5.20 4.05
CA HIS A 167 9.63 -5.41 4.57
C HIS A 167 9.51 -5.75 6.05
N THR A 168 10.14 -6.85 6.44
CA THR A 168 10.15 -7.29 7.83
C THR A 168 11.38 -6.74 8.56
N ARG A 169 11.23 -6.51 9.87
CA ARG A 169 12.28 -5.91 10.67
C ARG A 169 13.32 -6.98 10.81
N GLU A 170 12.83 -8.19 11.02
CA GLU A 170 13.69 -9.34 11.07
C GLU A 170 13.67 -10.06 9.71
N ALA A 171 14.35 -11.19 9.63
CA ALA A 171 14.59 -11.87 8.34
C ALA A 171 13.39 -12.69 7.92
N ALA A 172 12.63 -12.20 6.93
CA ALA A 172 11.48 -12.93 6.37
C ALA A 172 11.66 -14.45 6.52
N THR A 173 10.79 -15.14 7.26
CA THR A 173 10.84 -16.65 7.34
C THR A 173 10.07 -17.33 8.51
N ARG A 174 10.06 -16.70 9.67
CA ARG A 174 9.15 -17.12 10.69
C ARG A 174 7.87 -16.57 10.16
N ASN A 175 8.00 -15.36 9.68
CA ASN A 175 6.99 -14.69 8.91
C ASN A 175 6.38 -15.58 7.83
N MET A 176 7.21 -16.37 7.16
CA MET A 176 6.75 -17.08 5.99
C MET A 176 5.60 -18.06 6.29
N GLU A 177 5.64 -18.76 7.40
CA GLU A 177 4.54 -19.68 7.67
C GLU A 177 3.32 -18.85 8.11
N LYS A 178 3.58 -17.78 8.86
CA LYS A 178 2.53 -16.98 9.47
C LYS A 178 1.81 -16.14 8.43
N ILE A 179 2.55 -15.63 7.45
CA ILE A 179 1.98 -14.75 6.45
C ILE A 179 1.03 -15.44 5.46
N GLN A 180 0.98 -16.77 5.45
CA GLN A 180 0.04 -17.47 4.59
C GLN A 180 -1.28 -17.67 5.35
N VAL A 181 -1.83 -16.58 5.87
CA VAL A 181 -3.10 -16.67 6.58
C VAL A 181 -4.22 -17.21 5.70
N ILE A 182 -4.22 -16.81 4.44
CA ILE A 182 -5.27 -17.15 3.49
C ILE A 182 -4.69 -18.09 2.45
N LYS A 183 -4.97 -19.37 2.63
CA LYS A 183 -4.58 -20.35 1.62
C LYS A 183 -5.30 -19.91 0.32
N ASP A 184 -4.64 -20.18 -0.80
CA ASP A 184 -5.07 -19.64 -2.09
C ASP A 184 -4.60 -18.23 -2.33
N PHE A 185 -4.23 -17.49 -1.27
CA PHE A 185 -3.48 -16.22 -1.46
C PHE A 185 -2.03 -16.28 -0.93
N PRO A 186 -1.15 -16.91 -1.68
CA PRO A 186 0.18 -17.19 -1.17
C PRO A 186 1.17 -16.06 -1.35
N TRP A 187 2.17 -16.02 -0.48
CA TRP A 187 3.21 -15.00 -0.59
C TRP A 187 4.49 -15.67 -0.79
N ILE A 188 5.35 -15.07 -1.62
CA ILE A 188 6.70 -15.59 -1.86
C ILE A 188 7.74 -14.59 -1.39
N LEU A 189 9.00 -14.96 -1.52
CA LEU A 189 10.09 -13.99 -1.33
C LEU A 189 10.34 -13.14 -2.59
N ALA A 190 10.65 -11.88 -2.32
CA ALA A 190 10.91 -10.87 -3.34
C ALA A 190 12.19 -11.10 -4.11
N ASP A 191 12.18 -10.70 -5.38
CA ASP A 191 13.34 -10.76 -6.31
C ASP A 191 14.31 -9.62 -5.98
N GLU A 192 15.37 -9.47 -6.74
CA GLU A 192 16.07 -8.21 -6.74
C GLU A 192 15.31 -7.44 -7.77
N GLN A 193 14.91 -8.17 -8.79
CA GLN A 193 13.99 -7.60 -9.77
C GLN A 193 12.90 -6.77 -9.13
N ASP A 194 11.99 -7.41 -8.40
CA ASP A 194 10.85 -6.68 -7.78
C ASP A 194 11.29 -5.34 -7.12
N VAL A 195 12.24 -5.40 -6.20
CA VAL A 195 12.75 -4.19 -5.54
C VAL A 195 13.45 -3.18 -6.47
N HIS A 196 14.48 -3.66 -7.16
CA HIS A 196 15.55 -2.79 -7.66
C HIS A 196 15.09 -1.64 -8.56
N MET A 197 15.78 -0.51 -8.45
CA MET A 197 15.42 0.68 -9.20
C MET A 197 16.37 1.86 -8.95
N HIS A 198 17.55 1.86 -9.56
CA HIS A 198 18.38 3.09 -9.58
C HIS A 198 17.81 3.97 -10.71
N ASP A 199 17.62 5.28 -10.51
CA ASP A 199 18.27 6.12 -9.48
C ASP A 199 18.08 5.72 -8.00
N PRO A 200 16.95 6.14 -7.35
CA PRO A 200 15.75 6.94 -7.68
C PRO A 200 15.70 8.34 -7.02
N ARG A 201 14.51 8.96 -7.01
CA ARG A 201 14.30 10.28 -6.39
C ARG A 201 13.36 10.19 -5.19
N LEU A 202 13.77 10.75 -4.05
CA LEU A 202 12.93 10.70 -2.87
C LEU A 202 12.08 11.93 -2.75
N ILE A 203 10.79 11.70 -2.48
CA ILE A 203 9.83 12.77 -2.35
C ILE A 203 8.95 12.52 -1.16
N PRO A 204 9.24 13.20 -0.03
CA PRO A 204 8.46 12.99 1.18
C PRO A 204 6.98 13.39 1.03
N LEU A 205 6.15 12.83 1.87
CA LEU A 205 4.72 13.21 1.84
C LEU A 205 4.13 13.46 3.19
N LYS A 206 4.29 12.55 4.11
CA LYS A 206 3.77 12.86 5.41
C LYS A 206 4.51 12.11 6.49
N THR A 207 4.60 12.76 7.63
CA THR A 207 5.11 12.09 8.82
C THR A 207 4.15 12.30 9.98
N MET A 208 4.01 11.31 10.82
CA MET A 208 3.22 11.49 12.00
C MET A 208 3.84 10.71 13.12
N THR A 209 3.63 11.23 14.32
CA THR A 209 4.21 10.68 15.51
C THR A 209 3.18 10.70 16.59
N SER A 210 2.91 9.52 17.12
CA SER A 210 2.12 9.39 18.30
C SER A 210 2.97 8.62 19.26
N ASP A 211 2.48 8.49 20.48
CA ASP A 211 3.17 7.69 21.47
C ASP A 211 3.00 6.23 21.06
N ILE A 212 2.04 5.95 20.19
CA ILE A 212 1.74 4.57 19.83
C ILE A 212 2.01 4.17 18.36
N LEU A 213 2.14 5.16 17.47
CA LEU A 213 2.39 4.87 16.06
C LEU A 213 3.18 5.98 15.38
N LYS A 214 4.20 5.62 14.65
CA LYS A 214 4.84 6.58 13.80
C LYS A 214 4.99 5.95 12.44
N MET A 215 4.77 6.74 11.41
CA MET A 215 4.62 6.24 10.08
C MET A 215 4.99 7.39 9.23
N GLN A 216 5.77 7.12 8.20
CA GLN A 216 6.13 8.16 7.26
C GLN A 216 5.94 7.61 5.85
N LEU A 217 5.32 8.38 5.00
CA LEU A 217 4.99 7.92 3.67
C LEU A 217 5.71 8.81 2.70
N TYR A 218 6.57 8.24 1.88
CA TYR A 218 7.20 9.03 0.86
C TYR A 218 7.23 8.17 -0.38
N VAL A 219 7.66 8.78 -1.48
CA VAL A 219 7.72 8.10 -2.76
C VAL A 219 9.16 8.02 -3.22
N GLU A 220 9.55 6.86 -3.75
CA GLU A 220 10.81 6.80 -4.55
C GLU A 220 10.40 6.65 -6.02
N GLU A 221 11.06 7.40 -6.92
CA GLU A 221 10.53 7.56 -8.29
C GLU A 221 11.55 7.52 -9.41
N ARG A 222 11.73 6.34 -10.02
CA ARG A 222 12.70 6.16 -11.11
C ARG A 222 13.02 7.46 -11.86
N ALA A 223 14.31 7.79 -11.96
CA ALA A 223 14.75 9.01 -12.67
C ALA A 223 14.08 9.17 -14.03
N HIS A 224 13.99 8.08 -14.80
CA HIS A 224 13.39 8.11 -16.16
C HIS A 224 12.22 7.15 -16.39
N LYS A 225 11.00 7.63 -16.09
CA LYS A 225 9.74 6.97 -16.43
C LYS A 225 9.50 6.80 -17.96
N GLY A 226 9.91 7.77 -18.76
CA GLY A 226 9.79 7.68 -20.21
C GLY A 226 8.35 7.58 -20.68
N ALA B 29 16.57 -9.97 1.08
CA ALA B 29 16.60 -10.42 2.51
C ALA B 29 15.21 -10.36 3.23
N ASN B 30 14.68 -9.16 3.48
CA ASN B 30 13.48 -9.03 4.37
C ASN B 30 12.09 -8.80 3.72
N ILE B 31 11.82 -9.36 2.54
CA ILE B 31 10.86 -8.75 1.64
C ILE B 31 9.85 -9.74 1.01
N LEU B 32 8.59 -9.70 1.45
CA LEU B 32 7.53 -10.61 0.98
C LEU B 32 6.51 -9.98 0.02
N LYS B 33 6.05 -10.78 -0.91
CA LYS B 33 5.16 -10.25 -1.92
C LYS B 33 4.14 -11.32 -2.21
N PRO B 34 2.93 -10.91 -2.58
CA PRO B 34 2.00 -11.95 -2.91
C PRO B 34 2.41 -12.56 -4.21
N LEU B 35 2.37 -13.89 -4.25
CA LEU B 35 2.58 -14.68 -5.45
C LEU B 35 1.72 -14.21 -6.59
N MET B 36 0.49 -13.85 -6.26
CA MET B 36 -0.48 -13.56 -7.26
C MET B 36 -0.45 -12.12 -7.66
N SER B 37 -0.66 -11.87 -8.94
CA SER B 37 -0.87 -10.54 -9.47
C SER B 37 -2.33 -10.12 -9.46
N PRO B 38 -2.54 -8.79 -9.40
CA PRO B 38 -3.89 -8.27 -9.46
C PRO B 38 -4.44 -8.25 -10.86
N PRO B 39 -5.79 -8.20 -10.98
CA PRO B 39 -6.53 -8.07 -12.22
C PRO B 39 -5.91 -7.03 -13.12
N SER B 40 -5.74 -7.36 -14.39
CA SER B 40 -5.17 -6.42 -15.36
C SER B 40 -6.18 -5.38 -15.70
N ARG B 41 -5.76 -4.33 -16.39
CA ARG B 41 -6.69 -3.29 -16.85
C ARG B 41 -7.73 -3.88 -17.81
N GLU B 42 -7.31 -4.67 -18.78
CA GLU B 42 -8.27 -5.27 -19.66
C GLU B 42 -9.33 -6.04 -18.91
N GLU B 43 -8.93 -7.03 -18.14
CA GLU B 43 -9.90 -7.84 -17.41
C GLU B 43 -11.03 -7.01 -16.78
N ILE B 44 -10.68 -5.79 -16.40
CA ILE B 44 -11.59 -4.90 -15.70
C ILE B 44 -12.56 -4.16 -16.63
N MET B 45 -12.12 -3.94 -17.86
CA MET B 45 -12.84 -3.13 -18.83
C MET B 45 -14.06 -3.89 -19.29
N ALA B 46 -13.94 -5.22 -19.33
CA ALA B 46 -14.99 -6.09 -19.84
C ALA B 46 -16.32 -5.87 -19.13
N THR B 47 -16.25 -5.43 -17.88
CA THR B 47 -17.43 -5.29 -17.02
C THR B 47 -18.03 -3.88 -17.01
N LEU B 48 -17.43 -2.95 -17.75
CA LEU B 48 -17.83 -1.55 -17.69
C LEU B 48 -18.48 -1.01 -18.93
N LEU B 49 -19.16 0.12 -18.76
CA LEU B 49 -19.84 0.85 -19.83
C LEU B 49 -19.38 2.31 -19.89
#